data_3A5U
#
_entry.id   3A5U
#
_cell.length_a   112.330
_cell.length_b   112.330
_cell.length_c   48.490
_cell.angle_alpha   90.00
_cell.angle_beta   90.00
_cell.angle_gamma   90.00
#
_symmetry.space_group_name_H-M   'P 43 21 2'
#
loop_
_entity.id
_entity.type
_entity.pdbx_description
1 polymer 'Single-stranded DNA-binding protein'
2 polymer 'DNA (31-MER)'
3 water water
#
loop_
_entity_poly.entity_id
_entity_poly.type
_entity_poly.pdbx_seq_one_letter_code
_entity_poly.pdbx_strand_id
1 'polypeptide(L)'
;MAGDTTITVVGNLTADPELRFTPSGAAVANFTVASTPRMFDRQSGEWKDGEALFLRCNIWREAAENVAESLTRGSRVIVT
GRLKQRSFETREGEKRTVVEVEVDEIGPSLRYATAKVNKASRSGGGGGGF
;
A,B
2 'polydeoxyribonucleotide'
;(DC)(DC)(DC)(DC)(DC)(DC)(DC)(DC)(DC)(DC)(DC)(DC)(DC)(DC)(DC)(DC)(DC)(DC)(DC)(DC)
(DC)(DC)(DC)(DC)(DC)(DC)(DC)(DC)(DC)(DC)(DC)
;
C
#
loop_
_chem_comp.id
_chem_comp.type
_chem_comp.name
_chem_comp.formula
DC DNA linking 2'-DEOXYCYTIDINE-5'-MONOPHOSPHATE 'C9 H14 N3 O7 P'
#
# COMPACT_ATOMS: atom_id res chain seq x y z
N MET A 1 -4.99 -5.94 -13.36
CA MET A 1 -4.06 -5.61 -14.50
C MET A 1 -3.35 -4.23 -14.40
N ALA A 2 -3.16 -3.60 -15.60
CA ALA A 2 -2.36 -2.36 -15.80
C ALA A 2 -0.93 -2.42 -15.21
N GLY A 3 -0.15 -3.44 -15.60
CA GLY A 3 1.20 -3.66 -15.05
C GLY A 3 1.15 -3.64 -13.51
N ASP A 4 2.24 -3.20 -12.86
CA ASP A 4 2.26 -3.23 -11.41
C ASP A 4 1.55 -2.05 -10.82
N THR A 5 1.31 -2.20 -9.51
CA THR A 5 0.66 -1.18 -8.67
C THR A 5 1.76 -0.35 -8.03
N THR A 6 1.82 0.91 -8.42
CA THR A 6 2.93 1.72 -7.98
C THR A 6 2.48 2.47 -6.74
N ILE A 7 3.44 3.07 -6.04
CA ILE A 7 3.14 3.73 -4.78
C ILE A 7 4.27 4.71 -4.49
N THR A 8 3.96 5.84 -3.91
CA THR A 8 4.98 6.75 -3.44
C THR A 8 4.75 6.88 -1.94
N VAL A 9 5.81 6.76 -1.14
CA VAL A 9 5.70 6.91 0.31
C VAL A 9 6.69 7.93 0.81
N VAL A 10 6.26 8.75 1.74
CA VAL A 10 7.17 9.66 2.42
C VAL A 10 7.11 9.31 3.92
N GLY A 11 8.26 9.31 4.57
CA GLY A 11 8.34 8.86 5.97
C GLY A 11 9.76 8.70 6.44
N ASN A 12 9.91 8.07 7.60
CA ASN A 12 11.23 7.87 8.17
C ASN A 12 11.56 6.40 8.34
N LEU A 13 12.82 6.04 8.07
CA LEU A 13 13.26 4.65 8.25
C LEU A 13 13.18 4.33 9.70
N THR A 14 12.51 3.23 10.04
CA THR A 14 12.39 2.84 11.43
C THR A 14 13.75 2.41 12.01
N ALA A 15 14.70 2.03 11.14
CA ALA A 15 16.06 1.62 11.53
C ALA A 15 17.10 1.92 10.47
N ASP A 16 18.32 1.50 10.70
CA ASP A 16 19.32 1.60 9.66
C ASP A 16 19.04 0.57 8.57
N PRO A 17 19.26 0.95 7.32
CA PRO A 17 19.05 -0.06 6.29
C PRO A 17 19.93 -1.30 6.43
N GLU A 18 19.29 -2.46 6.54
CA GLU A 18 19.97 -3.75 6.49
C GLU A 18 20.46 -4.08 5.08
N LEU A 19 21.77 -4.14 4.92
CA LEU A 19 22.38 -4.47 3.64
C LEU A 19 22.79 -5.96 3.69
N ARG A 20 22.49 -6.71 2.64
CA ARG A 20 22.88 -8.11 2.58
C ARG A 20 23.21 -8.38 1.15
N PHE A 21 23.62 -9.62 0.90
CA PHE A 21 24.17 -10.05 -0.38
C PHE A 21 23.72 -11.43 -0.90
N THR A 22 24.15 -11.70 -2.14
CA THR A 22 23.90 -12.93 -2.84
C THR A 22 25.28 -13.50 -3.10
N PRO A 23 25.42 -14.84 -3.20
CA PRO A 23 26.72 -15.47 -3.51
C PRO A 23 27.46 -14.87 -4.71
N SER A 24 26.73 -14.25 -5.63
CA SER A 24 27.35 -13.64 -6.81
C SER A 24 27.82 -12.21 -6.57
N GLY A 25 27.34 -11.54 -5.51
CA GLY A 25 27.84 -10.22 -5.15
C GLY A 25 26.84 -9.08 -5.24
N ALA A 26 25.64 -9.37 -5.77
CA ALA A 26 24.54 -8.40 -5.86
C ALA A 26 24.07 -7.92 -4.50
N ALA A 27 24.02 -6.60 -4.32
CA ALA A 27 23.59 -6.05 -3.04
C ALA A 27 22.05 -5.95 -3.01
N VAL A 28 21.44 -6.26 -1.87
CA VAL A 28 20.04 -5.94 -1.65
C VAL A 28 19.93 -5.23 -0.32
N ALA A 29 19.18 -4.11 -0.27
CA ALA A 29 18.91 -3.46 1.02
C ALA A 29 17.45 -3.56 1.42
N ASN A 30 17.26 -3.76 2.71
CA ASN A 30 15.94 -3.86 3.33
C ASN A 30 15.88 -2.80 4.42
N PHE A 31 14.69 -2.26 4.64
CA PHE A 31 14.42 -1.22 5.65
C PHE A 31 12.89 -1.00 5.61
N THR A 32 12.39 -0.19 6.57
CA THR A 32 10.97 0.05 6.66
C THR A 32 10.68 1.54 6.78
N VAL A 33 9.73 2.02 5.98
CA VAL A 33 9.38 3.41 6.06
C VAL A 33 8.17 3.58 6.99
N ALA A 34 8.36 4.36 8.04
CA ALA A 34 7.27 4.60 8.97
C ALA A 34 6.61 5.85 8.42
N SER A 35 5.38 5.78 7.95
CA SER A 35 4.79 7.01 7.50
C SER A 35 3.76 7.53 8.49
N THR A 36 4.05 8.65 9.15
CA THR A 36 3.12 9.21 10.17
C THR A 36 2.31 10.39 9.65
N PRO A 37 0.97 10.22 9.52
CA PRO A 37 0.16 11.34 9.04
C PRO A 37 0.22 12.55 10.00
N ARG A 38 0.87 13.64 9.58
CA ARG A 38 0.98 14.86 10.39
C ARG A 38 -0.24 15.74 10.18
N MET A 39 -0.57 16.56 11.18
CA MET A 39 -1.81 17.36 11.21
C MET A 39 -3.01 16.53 10.73
N PHE A 40 -3.25 15.41 11.45
CA PHE A 40 -4.36 14.50 11.14
C PHE A 40 -5.22 14.21 12.38
N ASP A 41 -5.87 15.26 12.90
CA ASP A 41 -6.74 15.17 14.08
C ASP A 41 -7.60 13.88 14.06
N ARG A 42 -7.44 13.07 15.11
CA ARG A 42 -8.06 11.74 15.22
C ARG A 42 -8.80 11.49 16.56
N GLN A 43 -8.17 11.81 17.70
CA GLN A 43 -8.75 11.46 19.00
C GLN A 43 -9.49 12.64 19.70
N SER A 44 -8.87 13.05 20.88
CA SER A 44 -9.40 14.12 21.72
C SER A 44 -9.57 15.46 21.00
N GLY A 45 -10.30 16.39 21.63
CA GLY A 45 -10.52 17.74 21.09
C GLY A 45 -9.35 18.46 20.39
N GLU A 46 -8.13 18.21 20.88
CA GLU A 46 -6.92 18.83 20.31
C GLU A 46 -6.49 18.15 18.99
N TRP A 47 -5.37 18.61 18.40
CA TRP A 47 -4.87 18.01 17.15
C TRP A 47 -3.37 17.75 17.21
N LYS A 48 -2.94 16.70 16.49
CA LYS A 48 -1.53 16.31 16.37
C LYS A 48 -1.33 15.29 15.22
N ASP A 49 -0.40 14.35 15.43
CA ASP A 49 -0.07 13.29 14.46
C ASP A 49 -1.07 12.14 14.53
N GLY A 50 -1.34 11.51 13.37
CA GLY A 50 -2.21 10.33 13.32
C GLY A 50 -1.45 9.01 13.34
N GLU A 51 -2.17 7.91 13.48
CA GLU A 51 -1.57 6.58 13.44
C GLU A 51 -0.68 6.33 12.19
N ALA A 52 0.33 5.49 12.36
CA ALA A 52 1.42 5.36 11.37
C ALA A 52 1.24 4.15 10.46
N LEU A 53 1.77 4.33 9.24
CA LEU A 53 1.90 3.27 8.24
C LEU A 53 3.36 2.84 8.09
N PHE A 54 3.59 1.54 8.24
CA PHE A 54 4.93 0.95 8.20
C PHE A 54 4.97 0.04 7.01
N LEU A 55 5.83 0.34 6.05
CA LEU A 55 5.94 -0.50 4.84
C LEU A 55 7.34 -0.99 4.74
N ARG A 56 7.54 -2.28 4.61
CA ARG A 56 8.90 -2.78 4.47
C ARG A 56 9.30 -2.59 3.03
N CYS A 57 10.49 -2.08 2.80
CA CYS A 57 10.98 -1.87 1.44
C CYS A 57 12.18 -2.76 1.02
N ASN A 58 12.27 -3.08 -0.26
CA ASN A 58 13.43 -3.80 -0.78
C ASN A 58 14.03 -3.00 -1.91
N ILE A 59 15.36 -2.92 -1.97
CA ILE A 59 16.04 -2.27 -3.09
C ILE A 59 17.33 -3.06 -3.44
N TRP A 60 17.67 -3.07 -4.71
CA TRP A 60 18.80 -3.89 -5.19
C TRP A 60 19.96 -3.14 -5.80
N ARG A 61 21.06 -3.87 -5.98
CA ARG A 61 22.21 -3.38 -6.72
C ARG A 61 22.85 -2.12 -6.14
N GLU A 62 23.52 -1.36 -7.00
CA GLU A 62 24.18 -0.10 -6.66
C GLU A 62 23.37 0.74 -5.66
N ALA A 63 22.11 1.00 -6.02
CA ALA A 63 21.22 1.80 -5.14
C ALA A 63 21.18 1.26 -3.72
N ALA A 64 21.22 -0.06 -3.58
CA ALA A 64 21.20 -0.70 -2.28
C ALA A 64 22.44 -0.26 -1.51
N GLU A 65 23.61 -0.25 -2.16
CA GLU A 65 24.83 0.17 -1.47
C GLU A 65 24.73 1.67 -1.09
N ASN A 66 24.19 2.49 -2.00
CA ASN A 66 23.99 3.90 -1.74
C ASN A 66 22.97 4.17 -0.62
N VAL A 67 21.89 3.40 -0.61
CA VAL A 67 20.92 3.54 0.44
C VAL A 67 21.60 3.30 1.79
N ALA A 68 22.39 2.22 1.86
CA ALA A 68 23.06 1.83 3.08
C ALA A 68 24.17 2.78 3.48
N GLU A 69 24.83 3.37 2.48
CA GLU A 69 25.86 4.35 2.78
C GLU A 69 25.25 5.72 3.19
N SER A 70 24.05 6.01 2.70
CA SER A 70 23.53 7.37 2.81
C SER A 70 22.49 7.54 3.87
N LEU A 71 21.75 6.50 4.19
CA LEU A 71 20.63 6.66 5.11
C LEU A 71 20.84 5.90 6.42
N THR A 72 20.13 6.34 7.46
CA THR A 72 20.12 5.65 8.76
C THR A 72 18.73 5.69 9.38
N ARG A 73 18.59 5.10 10.56
CA ARG A 73 17.37 5.16 11.31
C ARG A 73 16.91 6.63 11.39
N GLY A 74 15.60 6.88 11.23
CA GLY A 74 15.04 8.23 11.42
C GLY A 74 15.04 9.11 10.18
N SER A 75 15.83 8.76 9.16
CA SER A 75 15.91 9.56 7.93
C SER A 75 14.54 9.69 7.27
N ARG A 76 14.22 10.90 6.84
CA ARG A 76 12.99 11.16 6.14
C ARG A 76 13.26 10.86 4.69
N VAL A 77 12.42 10.04 4.05
CA VAL A 77 12.71 9.64 2.69
C VAL A 77 11.48 9.71 1.80
N ILE A 78 11.73 9.83 0.49
CA ILE A 78 10.68 9.83 -0.53
C ILE A 78 10.94 8.54 -1.27
N VAL A 79 9.93 7.71 -1.45
CA VAL A 79 10.13 6.40 -2.04
C VAL A 79 9.09 6.17 -3.11
N THR A 80 9.53 5.63 -4.26
CA THR A 80 8.57 5.15 -5.29
C THR A 80 8.95 3.75 -5.68
N GLY A 81 7.92 2.95 -5.92
CA GLY A 81 8.13 1.55 -6.25
C GLY A 81 6.80 0.94 -6.57
N ARG A 82 6.72 -0.36 -6.42
CA ARG A 82 5.50 -1.06 -6.73
C ARG A 82 5.20 -2.03 -5.62
N LEU A 83 3.93 -2.08 -5.22
CA LEU A 83 3.51 -2.96 -4.16
C LEU A 83 3.55 -4.42 -4.59
N LYS A 84 4.21 -5.25 -3.80
CA LYS A 84 4.29 -6.67 -4.06
C LYS A 84 3.83 -7.42 -2.81
N GLN A 85 3.09 -8.50 -3.02
CA GLN A 85 2.64 -9.36 -1.91
C GLN A 85 3.65 -10.49 -1.75
N ARG A 86 3.86 -10.96 -0.52
CA ARG A 86 4.71 -12.11 -0.36
C ARG A 86 4.20 -13.08 0.69
N SER A 87 4.12 -14.37 0.30
CA SER A 87 3.72 -15.49 1.18
C SER A 87 4.87 -16.00 2.05
N PHE A 88 4.91 -15.51 3.28
CA PHE A 88 5.92 -15.88 4.26
C PHE A 88 5.37 -16.95 5.22
N THR A 90 5.51 -19.15 7.54
CA THR A 90 6.98 -19.01 7.68
C THR A 90 7.47 -19.94 8.79
N ARG A 91 7.07 -19.61 10.02
CA ARG A 91 7.40 -20.41 11.20
C ARG A 91 6.14 -20.53 12.05
N GLU A 92 5.72 -19.40 12.63
CA GLU A 92 4.47 -19.32 13.39
C GLU A 92 3.44 -18.55 12.56
N GLY A 93 2.89 -19.32 11.57
CA GLY A 93 1.90 -18.77 10.65
C GLY A 93 1.90 -19.60 9.38
N GLU A 94 1.15 -20.72 9.43
CA GLU A 94 1.05 -21.72 8.34
C GLU A 94 1.55 -21.29 6.93
N LYS A 95 0.94 -20.23 6.41
CA LYS A 95 1.32 -19.67 5.12
C LYS A 95 1.12 -18.15 5.12
N ARG A 96 1.93 -17.46 5.94
CA ARG A 96 1.89 -15.98 6.11
C ARG A 96 1.90 -15.16 4.80
N THR A 97 1.57 -13.87 4.91
CA THR A 97 1.55 -12.99 3.74
C THR A 97 1.55 -11.51 4.07
N VAL A 98 2.67 -10.84 3.72
CA VAL A 98 2.79 -9.36 3.85
C VAL A 98 3.03 -8.63 2.53
N VAL A 99 2.53 -7.41 2.47
CA VAL A 99 2.71 -6.52 1.33
C VAL A 99 4.09 -5.91 1.54
N GLU A 100 4.75 -5.45 0.46
CA GLU A 100 6.11 -4.88 0.58
C GLU A 100 6.23 -4.00 -0.62
N VAL A 101 7.07 -2.99 -0.55
CA VAL A 101 7.36 -2.17 -1.69
C VAL A 101 8.68 -2.57 -2.31
N GLU A 102 8.66 -2.75 -3.62
CA GLU A 102 9.87 -3.02 -4.38
C GLU A 102 10.34 -1.68 -4.90
N VAL A 103 11.33 -1.07 -4.25
CA VAL A 103 11.71 0.31 -4.56
C VAL A 103 12.27 0.51 -5.97
N ASP A 104 11.84 1.58 -6.64
CA ASP A 104 12.37 2.03 -7.94
C ASP A 104 13.32 3.22 -7.74
N GLU A 105 12.96 4.11 -6.81
CA GLU A 105 13.78 5.27 -6.49
C GLU A 105 13.48 5.64 -5.08
N ILE A 106 14.52 6.15 -4.42
CA ILE A 106 14.37 6.65 -3.05
C ILE A 106 15.33 7.79 -2.84
N GLY A 107 14.99 8.74 -1.98
CA GLY A 107 16.02 9.73 -1.61
C GLY A 107 15.64 10.41 -0.34
N PRO A 108 16.61 11.00 0.34
CA PRO A 108 16.33 11.71 1.56
C PRO A 108 15.56 12.94 1.14
N SER A 109 14.48 13.26 1.86
CA SER A 109 13.64 14.42 1.55
C SER A 109 14.44 15.62 1.93
N LEU A 110 14.26 16.73 1.21
CA LEU A 110 14.91 18.00 1.58
C LEU A 110 14.02 18.99 2.30
N ARG A 111 12.97 18.51 2.95
CA ARG A 111 12.06 19.41 3.69
C ARG A 111 12.74 19.99 4.95
N TYR A 112 13.49 19.16 5.66
CA TYR A 112 14.11 19.60 6.91
C TYR A 112 15.61 19.36 6.96
N ALA A 113 16.20 19.04 5.82
CA ALA A 113 17.62 18.72 5.78
C ALA A 113 18.24 19.12 4.47
N THR A 114 19.56 19.32 4.48
CA THR A 114 20.35 19.61 3.28
C THR A 114 21.11 18.34 2.94
N ALA A 115 21.65 18.27 1.72
CA ALA A 115 22.38 17.06 1.30
C ALA A 115 23.50 17.29 0.24
N LYS A 116 24.70 16.74 0.51
CA LYS A 116 25.75 16.77 -0.51
C LYS A 116 25.64 15.56 -1.44
N VAL A 117 25.39 15.85 -2.73
CA VAL A 117 25.25 14.83 -3.76
C VAL A 117 26.60 14.58 -4.44
N ASN A 118 27.04 13.33 -4.30
CA ASN A 118 28.30 12.83 -4.84
C ASN A 118 28.11 11.43 -5.41
N LYS A 119 28.73 11.18 -6.56
CA LYS A 119 28.60 9.89 -7.27
C LYS A 119 29.25 8.65 -6.58
N MET B 1 6.43 10.74 9.26
CA MET B 1 5.60 12.04 9.24
C MET B 1 5.43 12.55 7.82
N ALA B 2 4.24 12.38 7.24
CA ALA B 2 4.01 12.76 5.86
C ALA B 2 2.63 12.42 5.24
N GLY B 3 1.72 13.39 5.23
CA GLY B 3 0.39 13.26 4.62
C GLY B 3 -0.18 11.84 4.68
N ASP B 4 -1.07 11.53 3.75
CA ASP B 4 -1.63 10.20 3.72
C ASP B 4 -1.06 9.51 2.50
N THR B 5 -0.66 8.26 2.66
CA THR B 5 -0.03 7.58 1.54
C THR B 5 -1.15 7.18 0.62
N THR B 6 -1.14 7.74 -0.58
CA THR B 6 -2.16 7.40 -1.53
C THR B 6 -1.75 6.25 -2.43
N ILE B 7 -2.75 5.66 -3.07
CA ILE B 7 -2.53 4.54 -3.96
C ILE B 7 -3.68 4.48 -4.98
N THR B 8 -3.35 4.08 -6.22
CA THR B 8 -4.36 3.75 -7.23
C THR B 8 -4.17 2.28 -7.55
N VAL B 9 -5.25 1.53 -7.56
CA VAL B 9 -5.22 0.10 -7.91
C VAL B 9 -6.25 -0.19 -8.97
N VAL B 10 -5.84 -0.99 -9.94
CA VAL B 10 -6.73 -1.46 -10.98
C VAL B 10 -6.74 -2.98 -10.86
N GLY B 11 -7.91 -3.60 -10.93
CA GLY B 11 -7.96 -5.07 -10.78
C GLY B 11 -9.39 -5.54 -10.72
N ASN B 12 -9.60 -6.76 -10.26
CA ASN B 12 -10.94 -7.33 -10.17
C ASN B 12 -11.34 -7.65 -8.75
N LEU B 13 -12.59 -7.31 -8.42
CA LEU B 13 -13.14 -7.67 -7.12
C LEU B 13 -13.06 -9.20 -6.98
N THR B 14 -12.46 -9.67 -5.89
CA THR B 14 -12.39 -11.11 -5.74
C THR B 14 -13.77 -11.72 -5.42
N ALA B 15 -14.73 -10.87 -5.04
CA ALA B 15 -16.09 -11.32 -4.66
C ALA B 15 -17.09 -10.15 -4.79
N ASP B 16 -18.37 -10.34 -4.41
CA ASP B 16 -19.34 -9.27 -4.44
C ASP B 16 -19.05 -8.39 -3.26
N PRO B 17 -19.26 -7.08 -3.41
CA PRO B 17 -19.01 -6.21 -2.24
C PRO B 17 -19.92 -6.53 -1.03
N GLU B 18 -19.29 -6.80 0.10
CA GLU B 18 -19.99 -6.96 1.34
C GLU B 18 -20.48 -5.62 1.85
N LEU B 19 -21.80 -5.42 1.96
CA LEU B 19 -22.29 -4.17 2.53
C LEU B 19 -22.73 -4.36 3.99
N ARG B 20 -22.29 -3.45 4.87
CA ARG B 20 -22.65 -3.49 6.28
C ARG B 20 -23.00 -2.09 6.79
N PHE B 21 -23.35 -1.98 8.07
CA PHE B 21 -23.65 -0.67 8.67
C PHE B 21 -22.94 -0.45 10.00
N THR B 22 -22.37 0.75 10.18
CA THR B 22 -21.72 1.15 11.43
C THR B 22 -22.78 1.52 12.45
N PRO B 23 -22.45 1.42 13.77
CA PRO B 23 -23.36 1.76 14.88
C PRO B 23 -24.28 2.95 14.68
N SER B 24 -23.77 4.07 14.18
CA SER B 24 -24.59 5.23 13.87
C SER B 24 -25.39 5.08 12.57
N GLY B 25 -25.20 3.97 11.88
CA GLY B 25 -25.92 3.73 10.67
C GLY B 25 -25.22 4.28 9.46
N ALA B 26 -23.89 4.34 9.47
CA ALA B 26 -23.15 4.73 8.29
C ALA B 26 -22.96 3.50 7.42
N ALA B 27 -23.30 3.60 6.13
CA ALA B 27 -23.09 2.53 5.16
C ALA B 27 -21.62 2.27 4.84
N VAL B 28 -21.14 1.08 5.13
CA VAL B 28 -19.78 0.74 4.80
C VAL B 28 -19.69 -0.48 3.88
N ALA B 29 -18.97 -0.36 2.77
CA ALA B 29 -18.80 -1.48 1.85
C ALA B 29 -17.34 -1.97 1.88
N ASN B 30 -17.16 -3.29 1.94
CA ASN B 30 -15.86 -3.93 1.93
C ASN B 30 -15.78 -4.85 0.73
N PHE B 31 -14.57 -5.08 0.21
CA PHE B 31 -14.33 -5.94 -0.95
C PHE B 31 -12.81 -5.95 -1.15
N THR B 32 -12.34 -6.84 -2.01
CA THR B 32 -10.91 -6.97 -2.22
C THR B 32 -10.62 -6.88 -3.72
N VAL B 33 -9.61 -6.09 -4.05
CA VAL B 33 -9.24 -5.91 -5.43
C VAL B 33 -8.07 -6.87 -5.70
N ALA B 34 -8.23 -7.79 -6.64
CA ALA B 34 -7.15 -8.67 -7.05
C ALA B 34 -6.46 -8.06 -8.24
N SER B 35 -5.22 -7.69 -8.08
CA SER B 35 -4.56 -7.02 -9.16
C SER B 35 -3.57 -7.99 -9.78
N THR B 36 -3.80 -8.38 -11.03
CA THR B 36 -2.88 -9.33 -11.68
C THR B 36 -2.00 -8.69 -12.76
N PRO B 37 -0.68 -8.62 -12.51
CA PRO B 37 0.29 -8.19 -13.57
C PRO B 37 0.24 -9.08 -14.84
N ARG B 38 -0.15 -8.47 -15.97
CA ARG B 38 -0.29 -9.18 -17.23
C ARG B 38 1.03 -9.88 -17.67
N MET B 39 2.14 -9.12 -17.58
CA MET B 39 3.50 -9.62 -17.83
C MET B 39 3.59 -10.34 -19.20
N GLY B 45 9.64 -15.62 -23.16
CA GLY B 45 10.35 -15.44 -21.88
C GLY B 45 9.46 -14.82 -20.78
N GLU B 46 8.61 -13.86 -21.16
CA GLU B 46 7.67 -13.22 -20.23
C GLU B 46 6.72 -14.27 -19.60
N TRP B 47 6.26 -14.00 -18.38
CA TRP B 47 5.31 -14.90 -17.69
C TRP B 47 3.90 -14.74 -18.28
N LYS B 48 2.87 -14.83 -17.42
CA LYS B 48 1.49 -14.61 -17.85
C LYS B 48 0.64 -14.27 -16.64
N ASP B 49 0.65 -15.19 -15.67
CA ASP B 49 -0.08 -15.02 -14.41
C ASP B 49 0.85 -14.70 -13.23
N GLY B 50 1.79 -13.75 -13.43
CA GLY B 50 2.72 -13.31 -12.39
C GLY B 50 1.98 -13.15 -11.07
N GLU B 51 2.72 -13.01 -9.96
CA GLU B 51 2.10 -12.91 -8.63
C GLU B 51 1.04 -11.76 -8.45
N ALA B 52 -0.24 -12.13 -8.28
CA ALA B 52 -1.29 -11.12 -8.11
C ALA B 52 -1.24 -10.49 -6.71
N LEU B 53 -1.72 -9.25 -6.63
CA LEU B 53 -1.76 -8.49 -5.40
C LEU B 53 -3.24 -8.35 -4.94
N PHE B 54 -3.48 -8.64 -3.67
CA PHE B 54 -4.83 -8.64 -3.16
C PHE B 54 -4.90 -7.58 -2.10
N LEU B 55 -5.72 -6.56 -2.34
CA LEU B 55 -5.89 -5.50 -1.39
C LEU B 55 -7.33 -5.36 -0.93
N ARG B 56 -7.50 -5.34 0.39
CA ARG B 56 -8.79 -5.14 0.96
C ARG B 56 -9.10 -3.66 0.97
N CYS B 57 -10.34 -3.33 0.61
CA CYS B 57 -10.77 -1.98 0.47
C CYS B 57 -11.97 -1.69 1.40
N ASN B 58 -12.05 -0.44 1.85
CA ASN B 58 -13.14 0.02 2.61
C ASN B 58 -13.66 1.25 1.95
N ILE B 59 -14.97 1.36 1.88
CA ILE B 59 -15.61 2.56 1.38
C ILE B 59 -16.90 2.86 2.13
N TRP B 60 -17.18 4.15 2.31
CA TRP B 60 -18.29 4.61 3.19
C TRP B 60 -19.45 5.36 2.56
N ARG B 61 -20.49 5.54 3.37
CA ARG B 61 -21.68 6.31 3.01
C ARG B 61 -22.33 5.96 1.68
N GLU B 62 -22.89 6.98 1.03
CA GLU B 62 -23.56 6.84 -0.29
C GLU B 62 -22.78 5.99 -1.32
N ALA B 63 -21.47 6.19 -1.39
CA ALA B 63 -20.64 5.45 -2.34
C ALA B 63 -20.67 3.96 -2.06
N ALA B 64 -20.68 3.62 -0.78
CA ALA B 64 -20.74 2.21 -0.41
C ALA B 64 -21.98 1.58 -1.02
N GLU B 65 -23.12 2.29 -0.95
CA GLU B 65 -24.39 1.80 -1.48
C GLU B 65 -24.31 1.62 -2.98
N ASN B 66 -23.74 2.62 -3.64
CA ASN B 66 -23.54 2.57 -5.08
C ASN B 66 -22.59 1.44 -5.47
N VAL B 67 -21.50 1.27 -4.73
CA VAL B 67 -20.63 0.17 -5.02
C VAL B 67 -21.40 -1.14 -4.90
N ALA B 68 -22.15 -1.32 -3.82
CA ALA B 68 -22.89 -2.55 -3.57
C ALA B 68 -23.97 -2.76 -4.63
N GLU B 69 -24.46 -1.67 -5.20
CA GLU B 69 -25.52 -1.75 -6.20
C GLU B 69 -24.96 -1.95 -7.60
N SER B 70 -23.71 -1.54 -7.81
CA SER B 70 -23.16 -1.50 -9.16
C SER B 70 -22.13 -2.58 -9.49
N LEU B 71 -21.46 -3.08 -8.47
CA LEU B 71 -20.30 -3.96 -8.68
C LEU B 71 -20.57 -5.37 -8.17
N THR B 72 -19.85 -6.36 -8.72
CA THR B 72 -19.98 -7.74 -8.29
C THR B 72 -18.61 -8.43 -8.35
N ARG B 73 -18.51 -9.68 -7.90
CA ARG B 73 -17.28 -10.44 -8.08
C ARG B 73 -16.84 -10.33 -9.53
N GLY B 74 -15.53 -10.22 -9.75
CA GLY B 74 -14.97 -10.16 -11.07
C GLY B 74 -14.98 -8.84 -11.81
N SER B 75 -15.66 -7.84 -11.27
CA SER B 75 -15.69 -6.52 -11.87
C SER B 75 -14.29 -5.93 -11.87
N ARG B 76 -13.90 -5.39 -13.02
CA ARG B 76 -12.65 -4.71 -13.12
C ARG B 76 -12.84 -3.28 -12.64
N VAL B 77 -12.02 -2.82 -11.69
CA VAL B 77 -12.21 -1.49 -11.15
C VAL B 77 -10.96 -0.66 -11.05
N ILE B 78 -11.16 0.65 -11.08
CA ILE B 78 -10.09 1.65 -10.85
C ILE B 78 -10.39 2.19 -9.44
N VAL B 79 -9.39 2.16 -8.57
CA VAL B 79 -9.60 2.57 -7.18
C VAL B 79 -8.53 3.53 -6.74
N THR B 80 -8.92 4.63 -6.11
CA THR B 80 -7.92 5.52 -5.47
C THR B 80 -8.30 5.72 -4.04
N GLY B 81 -7.29 5.78 -3.20
CA GLY B 81 -7.53 5.97 -1.78
C GLY B 81 -6.22 6.11 -1.02
N ARG B 82 -6.19 5.75 0.25
CA ARG B 82 -4.97 5.91 1.00
C ARG B 82 -4.71 4.69 1.86
N LEU B 83 -3.47 4.21 1.87
CA LEU B 83 -3.14 3.00 2.58
C LEU B 83 -3.19 3.23 4.07
N LYS B 84 -3.84 2.32 4.76
CA LYS B 84 -3.97 2.38 6.19
C LYS B 84 -3.59 1.02 6.72
N GLN B 85 -2.91 1.03 7.85
CA GLN B 85 -2.54 -0.20 8.55
C GLN B 85 -3.55 -0.43 9.63
N ARG B 86 -3.87 -1.68 9.92
CA ARG B 86 -4.83 -1.96 10.97
C ARG B 86 -4.50 -3.25 11.74
N SER B 87 -4.63 -3.22 13.07
CA SER B 87 -4.47 -4.44 13.89
C SER B 87 -5.82 -4.97 14.39
N PHE B 88 -5.89 -6.26 14.66
CA PHE B 88 -7.16 -6.92 15.04
C PHE B 88 -6.94 -8.21 15.82
N GLU B 89 -7.55 -8.32 17.00
CA GLU B 89 -7.42 -9.50 17.85
C GLU B 89 -7.70 -10.83 17.14
N THR B 90 -8.97 -11.07 16.79
CA THR B 90 -9.38 -12.33 16.17
C THR B 90 -8.93 -13.57 17.00
N ARG B 91 -9.64 -13.80 18.11
CA ARG B 91 -9.37 -14.88 19.07
C ARG B 91 -8.05 -14.65 19.81
N GLU B 92 -8.02 -13.59 20.65
CA GLU B 92 -6.83 -13.16 21.40
C GLU B 92 -5.63 -12.97 20.48
N LYS B 95 -3.78 -11.31 17.72
CA LYS B 95 -3.87 -10.02 17.02
C LYS B 95 -2.91 -9.93 15.82
N ARG B 96 -3.43 -9.65 14.63
CA ARG B 96 -2.61 -9.54 13.39
C ARG B 96 -2.71 -8.14 12.80
N THR B 97 -1.87 -7.84 11.83
CA THR B 97 -1.87 -6.48 11.26
C THR B 97 -1.84 -6.47 9.73
N VAL B 98 -2.88 -5.90 9.16
CA VAL B 98 -3.04 -5.89 7.70
C VAL B 98 -3.11 -4.46 7.16
N VAL B 99 -2.57 -4.26 5.96
CA VAL B 99 -2.67 -2.99 5.26
C VAL B 99 -3.95 -3.03 4.45
N GLU B 100 -4.68 -1.91 4.44
CA GLU B 100 -5.95 -1.82 3.72
C GLU B 100 -6.05 -0.50 3.01
N VAL B 101 -6.91 -0.41 1.99
CA VAL B 101 -7.11 0.86 1.29
C VAL B 101 -8.38 1.51 1.74
N GLU B 102 -8.31 2.77 2.14
CA GLU B 102 -9.50 3.53 2.47
C GLU B 102 -9.88 4.24 1.17
N VAL B 103 -10.84 3.68 0.44
CA VAL B 103 -11.23 4.24 -0.85
C VAL B 103 -11.70 5.69 -0.83
N ASP B 104 -11.29 6.46 -1.85
CA ASP B 104 -11.72 7.86 -2.04
C ASP B 104 -12.60 7.88 -3.28
N GLU B 105 -12.20 7.13 -4.32
CA GLU B 105 -13.05 7.02 -5.51
C GLU B 105 -12.83 5.63 -6.08
N ILE B 106 -13.86 5.08 -6.74
CA ILE B 106 -13.79 3.79 -7.36
C ILE B 106 -14.78 3.81 -8.51
N GLY B 107 -14.47 3.10 -9.58
CA GLY B 107 -15.42 3.02 -10.68
C GLY B 107 -15.09 1.79 -11.49
N PRO B 108 -16.10 1.26 -12.17
CA PRO B 108 -15.83 0.12 -13.06
C PRO B 108 -15.03 0.65 -14.19
N SER B 109 -14.06 -0.11 -14.64
CA SER B 109 -13.18 0.30 -15.71
C SER B 109 -13.91 0.12 -17.01
N LEU B 110 -13.65 1.03 -17.96
CA LEU B 110 -14.27 0.99 -19.29
C LEU B 110 -13.40 0.33 -20.38
N ARG B 111 -12.35 -0.38 -19.98
CA ARG B 111 -11.43 -1.04 -20.90
C ARG B 111 -12.09 -2.19 -21.70
N TYR B 112 -12.92 -2.97 -21.02
CA TYR B 112 -13.54 -4.14 -21.64
C TYR B 112 -15.04 -4.13 -21.50
N ALA B 113 -15.62 -2.96 -21.18
CA ALA B 113 -17.04 -2.92 -20.84
C ALA B 113 -17.58 -1.55 -21.03
N THR B 114 -18.89 -1.46 -21.12
CA THR B 114 -19.59 -0.19 -21.22
C THR B 114 -20.42 -0.03 -19.96
N ALA B 115 -20.75 1.21 -19.62
CA ALA B 115 -21.47 1.44 -18.38
C ALA B 115 -22.54 2.50 -18.47
N LYS B 116 -23.70 2.18 -17.93
CA LYS B 116 -24.80 3.10 -17.89
C LYS B 116 -24.83 3.72 -16.49
N VAL B 117 -24.33 4.94 -16.41
CA VAL B 117 -24.27 5.71 -15.17
C VAL B 117 -25.62 6.35 -14.88
N ASN B 118 -26.04 6.24 -13.61
CA ASN B 118 -27.26 6.88 -13.15
C ASN B 118 -26.94 8.03 -12.19
N LYS B 119 -26.52 9.16 -12.78
CA LYS B 119 -26.27 10.44 -12.08
C LYS B 119 -27.53 10.99 -11.41
#